data_4K7B
#
_entry.id   4K7B
#
_cell.length_a   92.411
_cell.length_b   92.411
_cell.length_c   31.283
_cell.angle_alpha   90.00
_cell.angle_beta   90.00
_cell.angle_gamma   120.00
#
_symmetry.space_group_name_H-M   'P 31 2 1'
#
loop_
_entity.id
_entity.type
_entity.pdbx_description
1 polymer 'Extrinsic protein in photosystem II'
2 non-polymer 'SULFATE ION'
3 non-polymer GLYCEROL
4 water water
#
_entity_poly.entity_id   1
_entity_poly.type   'polypeptide(L)'
_entity_poly.pdbx_seq_one_letter_code
;DGAVSSATINRARGLYGDRIAALKDAVAAGDFKAIAEEKNAFILFNSGAYPTNKAKKNAAIAQTNEIFKAIRSGDKAAVK
SAYDAYMAANEIRPLPEINSNVGQGYSSEFDFRSRTKAGAIYVR
;
_entity_poly.pdbx_strand_id   A
#
# COMPACT_ATOMS: atom_id res chain seq x y z
N ALA A 3 15.36 19.91 -2.95
CA ALA A 3 14.85 18.65 -3.47
C ALA A 3 13.68 18.15 -2.63
N VAL A 4 13.54 18.70 -1.43
CA VAL A 4 12.45 18.33 -0.54
C VAL A 4 11.58 19.54 -0.22
N SER A 5 10.27 19.38 -0.37
CA SER A 5 9.35 20.48 -0.16
C SER A 5 7.99 19.92 0.26
N SER A 6 7.08 20.82 0.60
CA SER A 6 5.73 20.39 0.91
C SER A 6 5.12 19.67 -0.31
N ALA A 7 5.43 20.16 -1.51
CA ALA A 7 4.98 19.54 -2.75
C ALA A 7 5.54 18.14 -2.95
N THR A 8 6.81 17.92 -2.68
CA THR A 8 7.36 16.58 -2.89
C THR A 8 6.72 15.56 -1.94
N ILE A 9 6.50 16.00 -0.71
CA ILE A 9 5.83 15.16 0.27
C ILE A 9 4.42 14.83 -0.16
N ASN A 10 3.64 15.84 -0.54
CA ASN A 10 2.29 15.59 -1.01
C ASN A 10 2.21 14.73 -2.28
N ARG A 11 3.15 14.93 -3.19
CA ARG A 11 3.15 14.15 -4.42
CA ARG A 11 3.18 14.17 -4.43
C ARG A 11 3.45 12.70 -4.12
N ALA A 12 4.41 12.45 -3.25
CA ALA A 12 4.73 11.07 -2.89
C ALA A 12 3.59 10.40 -2.12
N ARG A 13 3.02 11.11 -1.16
CA ARG A 13 1.92 10.55 -0.38
CA ARG A 13 1.90 10.57 -0.38
C ARG A 13 0.71 10.25 -1.25
N GLY A 14 0.39 11.20 -2.16
CA GLY A 14 -0.73 11.04 -3.07
C GLY A 14 -0.52 9.90 -4.04
N LEU A 15 0.52 9.99 -4.86
CA LEU A 15 0.70 9.03 -5.94
C LEU A 15 1.02 7.63 -5.40
N TYR A 16 1.99 7.55 -4.49
CA TYR A 16 2.42 6.23 -4.04
C TYR A 16 1.43 5.68 -3.01
N GLY A 17 0.91 6.55 -2.15
CA GLY A 17 -0.12 6.12 -1.25
C GLY A 17 -1.31 5.55 -2.00
N ASP A 18 -1.69 6.20 -3.11
CA ASP A 18 -2.82 5.70 -3.89
C ASP A 18 -2.49 4.36 -4.55
N ARG A 19 -1.26 4.21 -5.03
CA ARG A 19 -0.86 2.88 -5.57
C ARG A 19 -0.98 1.80 -4.50
N ILE A 20 -0.60 2.14 -3.27
CA ILE A 20 -0.69 1.16 -2.19
C ILE A 20 -2.15 0.87 -1.80
N ALA A 21 -2.98 1.89 -1.73
CA ALA A 21 -4.38 1.70 -1.39
C ALA A 21 -5.09 0.87 -2.44
N ALA A 22 -4.68 1.02 -3.70
CA ALA A 22 -5.31 0.29 -4.80
C ALA A 22 -5.09 -1.21 -4.72
N LEU A 23 -4.16 -1.64 -3.85
CA LEU A 23 -3.92 -3.07 -3.66
C LEU A 23 -5.01 -3.78 -2.86
N LYS A 24 -6.04 -3.08 -2.41
CA LYS A 24 -7.04 -3.69 -1.52
C LYS A 24 -7.61 -5.00 -2.07
N ASP A 25 -8.02 -4.99 -3.34
CA ASP A 25 -8.57 -6.20 -3.94
C ASP A 25 -7.53 -7.33 -4.05
N ALA A 26 -6.31 -6.98 -4.43
CA ALA A 26 -5.25 -8.00 -4.50
C ALA A 26 -5.01 -8.63 -3.14
N VAL A 27 -5.00 -7.82 -2.10
CA VAL A 27 -4.83 -8.30 -0.75
C VAL A 27 -5.99 -9.24 -0.36
N ALA A 28 -7.20 -8.82 -0.67
CA ALA A 28 -8.38 -9.64 -0.37
C ALA A 28 -8.32 -10.98 -1.08
N ALA A 29 -7.80 -10.99 -2.30
CA ALA A 29 -7.82 -12.17 -3.15
C ALA A 29 -6.62 -13.08 -2.94
N GLY A 30 -5.63 -12.61 -2.17
CA GLY A 30 -4.38 -13.34 -2.01
C GLY A 30 -3.45 -13.24 -3.21
N ASP A 31 -3.59 -12.15 -3.97
CA ASP A 31 -2.83 -11.95 -5.20
C ASP A 31 -1.52 -11.25 -4.85
N PHE A 32 -0.57 -12.02 -4.34
CA PHE A 32 0.64 -11.45 -3.78
C PHE A 32 1.55 -10.85 -4.85
N LYS A 33 1.50 -11.40 -6.06
CA LYS A 33 2.29 -10.84 -7.16
CA LYS A 33 2.26 -10.85 -7.19
C LYS A 33 1.99 -9.36 -7.41
N ALA A 34 0.72 -8.96 -7.28
CA ALA A 34 0.38 -7.54 -7.50
C ALA A 34 1.08 -6.64 -6.47
N ILE A 35 1.15 -7.17 -5.25
CA ILE A 35 1.78 -6.44 -4.16
C ILE A 35 3.26 -6.34 -4.45
N ALA A 36 3.89 -7.45 -4.81
CA ALA A 36 5.31 -7.42 -5.15
C ALA A 36 5.61 -6.49 -6.33
N GLU A 37 4.65 -6.39 -7.25
CA GLU A 37 4.81 -5.52 -8.39
C GLU A 37 4.72 -4.06 -7.97
N GLU A 38 4.13 -3.79 -6.80
CA GLU A 38 4.19 -2.40 -6.27
C GLU A 38 5.32 -2.05 -5.26
N LYS A 39 6.36 -2.87 -5.23
CA LYS A 39 7.51 -2.65 -4.33
CA LYS A 39 7.43 -2.63 -4.25
C LYS A 39 8.00 -1.21 -4.37
N ASN A 40 8.10 -0.68 -5.59
CA ASN A 40 8.58 0.69 -5.75
C ASN A 40 7.67 1.72 -5.11
N ALA A 41 6.37 1.45 -5.08
CA ALA A 41 5.42 2.37 -4.44
C ALA A 41 5.70 2.37 -2.96
N PHE A 42 5.99 1.20 -2.40
CA PHE A 42 6.38 1.20 -0.97
C PHE A 42 7.67 1.99 -0.71
N ILE A 43 8.69 1.73 -1.52
CA ILE A 43 9.97 2.41 -1.35
C ILE A 43 9.80 3.93 -1.42
N LEU A 44 9.10 4.38 -2.46
CA LEU A 44 9.00 5.80 -2.76
C LEU A 44 8.00 6.53 -1.87
N PHE A 45 6.98 5.81 -1.38
CA PHE A 45 6.16 6.38 -0.31
C PHE A 45 7.01 6.58 0.92
N ASN A 46 7.73 5.53 1.32
CA ASN A 46 8.48 5.64 2.55
C ASN A 46 9.54 6.74 2.51
N SER A 47 10.22 6.90 1.38
CA SER A 47 11.26 7.93 1.29
CA SER A 47 11.27 7.92 1.26
C SER A 47 10.71 9.33 0.99
N GLY A 48 9.65 9.39 0.22
CA GLY A 48 9.09 10.69 -0.18
C GLY A 48 8.15 11.31 0.82
N ALA A 49 7.38 10.47 1.52
CA ALA A 49 6.50 10.95 2.57
C ALA A 49 7.27 11.35 3.82
N TYR A 50 8.43 10.72 4.03
CA TYR A 50 9.25 10.95 5.21
C TYR A 50 10.70 11.33 4.86
N PRO A 51 10.89 12.49 4.23
CA PRO A 51 12.23 12.92 3.81
C PRO A 51 13.17 13.23 4.98
N THR A 52 12.62 13.58 6.14
CA THR A 52 13.44 14.06 7.23
C THR A 52 13.23 13.26 8.52
N ASN A 53 12.00 12.82 8.75
CA ASN A 53 11.65 12.09 9.97
C ASN A 53 12.14 10.65 9.89
N LYS A 54 13.31 10.39 10.47
CA LYS A 54 13.90 9.05 10.40
C LYS A 54 13.13 8.01 11.20
N ALA A 55 12.50 8.43 12.29
CA ALA A 55 11.71 7.48 13.07
C ALA A 55 10.52 6.94 12.26
N LYS A 56 9.80 7.84 11.60
CA LYS A 56 8.66 7.42 10.79
C LYS A 56 9.08 6.59 9.60
N LYS A 57 10.19 7.00 8.95
CA LYS A 57 10.70 6.21 7.84
C LYS A 57 11.11 4.81 8.30
N ASN A 58 11.84 4.71 9.40
CA ASN A 58 12.26 3.41 9.89
CA ASN A 58 12.25 3.43 9.96
C ASN A 58 11.06 2.53 10.21
N ALA A 59 10.02 3.13 10.78
CA ALA A 59 8.80 2.40 11.10
C ALA A 59 8.12 1.89 9.84
N ALA A 60 8.08 2.75 8.82
CA ALA A 60 7.43 2.42 7.57
C ALA A 60 8.15 1.29 6.85
N ILE A 61 9.49 1.32 6.89
CA ILE A 61 10.30 0.25 6.31
C ILE A 61 10.03 -1.04 7.06
N ALA A 62 10.00 -0.98 8.40
CA ALA A 62 9.67 -2.19 9.16
C ALA A 62 8.29 -2.78 8.82
N GLN A 63 7.29 -1.92 8.67
CA GLN A 63 5.94 -2.37 8.35
C GLN A 63 5.87 -2.96 6.94
N THR A 64 6.66 -2.38 6.05
CA THR A 64 6.78 -2.91 4.68
C THR A 64 7.38 -4.31 4.71
N ASN A 65 8.47 -4.44 5.46
CA ASN A 65 9.11 -5.74 5.62
C ASN A 65 8.12 -6.76 6.19
N GLU A 66 7.28 -6.32 7.12
CA GLU A 66 6.27 -7.21 7.68
CA GLU A 66 6.27 -7.22 7.67
C GLU A 66 5.28 -7.72 6.62
N ILE A 67 4.82 -6.79 5.76
CA ILE A 67 3.98 -7.21 4.63
C ILE A 67 4.67 -8.30 3.81
N PHE A 68 5.94 -8.07 3.47
CA PHE A 68 6.62 -9.07 2.63
C PHE A 68 6.96 -10.41 3.33
N LYS A 69 7.15 -10.38 4.65
CA LYS A 69 7.34 -11.59 5.46
C LYS A 69 6.05 -12.40 5.42
N ALA A 70 4.93 -11.69 5.55
CA ALA A 70 3.64 -12.36 5.46
C ALA A 70 3.40 -12.94 4.08
N ILE A 71 3.76 -12.21 3.03
CA ILE A 71 3.65 -12.71 1.67
C ILE A 71 4.44 -14.00 1.53
N ARG A 72 5.66 -14.01 2.05
CA ARG A 72 6.46 -15.22 1.91
C ARG A 72 5.85 -16.38 2.69
N SER A 73 5.20 -16.10 3.81
CA SER A 73 4.51 -17.17 4.53
C SER A 73 3.29 -17.74 3.77
N GLY A 74 2.80 -16.99 2.79
CA GLY A 74 1.62 -17.39 2.04
C GLY A 74 0.31 -17.25 2.80
N ASP A 75 0.38 -16.66 4.00
CA ASP A 75 -0.78 -16.48 4.87
C ASP A 75 -1.56 -15.23 4.49
N LYS A 76 -2.70 -15.42 3.83
CA LYS A 76 -3.51 -14.30 3.34
C LYS A 76 -3.96 -13.38 4.48
N ALA A 77 -4.37 -13.96 5.60
CA ALA A 77 -4.82 -13.20 6.75
C ALA A 77 -3.71 -12.32 7.31
N ALA A 78 -2.50 -12.89 7.39
CA ALA A 78 -1.35 -12.16 7.92
C ALA A 78 -0.97 -11.02 6.98
N VAL A 79 -1.08 -11.26 5.68
CA VAL A 79 -0.80 -10.22 4.69
C VAL A 79 -1.78 -9.09 4.87
N LYS A 80 -3.06 -9.43 4.99
CA LYS A 80 -4.06 -8.38 5.17
C LYS A 80 -3.82 -7.58 6.45
N SER A 81 -3.48 -8.27 7.54
CA SER A 81 -3.20 -7.60 8.80
CA SER A 81 -3.21 -7.58 8.80
C SER A 81 -2.03 -6.63 8.68
N ALA A 82 -0.94 -7.08 8.04
CA ALA A 82 0.24 -6.23 7.87
C ALA A 82 -0.03 -5.03 6.96
N TYR A 83 -0.79 -5.27 5.90
CA TYR A 83 -1.16 -4.23 4.93
C TYR A 83 -2.01 -3.15 5.58
N ASP A 84 -3.04 -3.58 6.31
CA ASP A 84 -3.90 -2.66 7.03
C ASP A 84 -3.10 -1.90 8.09
N ALA A 85 -2.19 -2.56 8.77
CA ALA A 85 -1.38 -1.89 9.79
C ALA A 85 -0.50 -0.81 9.17
N TYR A 86 0.09 -1.12 8.02
CA TYR A 86 0.93 -0.18 7.30
C TYR A 86 0.13 1.04 6.86
N MET A 87 -1.04 0.79 6.27
CA MET A 87 -1.87 1.92 5.87
C MET A 87 -2.32 2.78 7.02
N ALA A 88 -2.76 2.15 8.11
CA ALA A 88 -3.25 2.92 9.26
C ALA A 88 -2.12 3.74 9.88
N ALA A 89 -0.95 3.13 10.01
CA ALA A 89 0.17 3.81 10.68
C ALA A 89 0.70 4.98 9.86
N ASN A 90 0.48 4.92 8.56
CA ASN A 90 1.03 5.94 7.67
C ASN A 90 0.00 6.90 7.09
N GLU A 91 -1.22 6.82 7.62
CA GLU A 91 -2.33 7.69 7.21
C GLU A 91 -2.59 7.59 5.71
N ILE A 92 -2.44 6.38 5.18
CA ILE A 92 -2.84 6.14 3.80
C ILE A 92 -4.29 5.68 3.85
N ARG A 93 -5.16 6.46 3.23
CA ARG A 93 -6.59 6.17 3.32
C ARG A 93 -7.01 5.20 2.22
N PRO A 94 -7.95 4.31 2.52
CA PRO A 94 -8.45 3.43 1.46
C PRO A 94 -9.13 4.23 0.36
N LEU A 95 -9.29 3.61 -0.81
CA LEU A 95 -9.96 4.30 -1.90
C LEU A 95 -11.48 4.14 -1.81
N PRO A 96 -12.25 5.05 -2.43
CA PRO A 96 -13.70 4.96 -2.29
C PRO A 96 -14.29 3.61 -2.71
N GLU A 97 -15.03 2.97 -1.79
CA GLU A 97 -15.49 1.60 -1.98
C GLU A 97 -16.84 1.48 -2.70
N ILE A 98 -17.15 2.45 -3.56
CA ILE A 98 -18.39 2.44 -4.32
C ILE A 98 -18.13 2.32 -5.82
N ASN A 99 -16.87 2.00 -6.14
CA ASN A 99 -16.49 1.45 -7.44
C ASN A 99 -15.97 0.09 -7.07
N SER A 100 -15.66 -0.05 -5.77
CA SER A 100 -15.59 -1.37 -5.13
C SER A 100 -17.02 -1.85 -4.92
N ASN A 101 -17.79 -1.73 -6.00
CA ASN A 101 -19.12 -2.27 -6.18
C ASN A 101 -18.89 -3.68 -6.72
N VAL A 102 -17.66 -4.15 -6.47
CA VAL A 102 -17.14 -5.41 -6.95
C VAL A 102 -18.05 -6.59 -6.62
N GLY A 103 -18.44 -7.33 -7.66
CA GLY A 103 -19.24 -8.53 -7.50
C GLY A 103 -20.72 -8.28 -7.25
N GLN A 104 -21.19 -7.07 -7.50
CA GLN A 104 -22.59 -6.76 -7.17
C GLN A 104 -23.57 -6.76 -8.37
N GLY A 105 -23.18 -7.42 -9.45
CA GLY A 105 -24.05 -7.62 -10.62
C GLY A 105 -23.30 -7.33 -11.94
N TYR A 106 -22.27 -6.51 -11.83
CA TYR A 106 -21.44 -6.17 -12.96
C TYR A 106 -20.41 -7.27 -13.19
N SER A 107 -19.85 -7.27 -14.40
CA SER A 107 -18.86 -8.27 -14.78
C SER A 107 -17.51 -8.03 -14.12
N SER A 108 -16.64 -9.05 -14.14
CA SER A 108 -15.31 -8.88 -13.62
C SER A 108 -14.53 -7.89 -14.47
N GLU A 109 -14.83 -7.88 -15.78
CA GLU A 109 -14.17 -6.95 -16.69
C GLU A 109 -14.50 -5.50 -16.31
N PHE A 110 -15.74 -5.23 -15.97
CA PHE A 110 -16.16 -3.94 -15.48
C PHE A 110 -15.48 -3.58 -14.16
N ASP A 111 -15.51 -4.52 -13.20
CA ASP A 111 -14.93 -4.25 -11.89
C ASP A 111 -13.46 -3.84 -11.94
N PHE A 112 -12.68 -4.46 -12.83
CA PHE A 112 -11.23 -4.25 -12.82
C PHE A 112 -10.66 -3.42 -13.97
N ARG A 113 -11.53 -2.79 -14.75
CA ARG A 113 -11.09 -1.92 -15.84
C ARG A 113 -10.83 -0.51 -15.32
#